data_5YYX
#
_entry.id   5YYX
#
_cell.length_a   61.666
_cell.length_b   61.666
_cell.length_c   61.078
_cell.angle_alpha   90.000
_cell.angle_beta   90.000
_cell.angle_gamma   120.000
#
_symmetry.space_group_name_H-M   'P 32 2 1'
#
loop_
_entity.id
_entity.type
_entity.pdbx_description
1 polymer 'Meiosis-specific serine/threonine-protein kinase MEK1'
2 water water
#
_entity_poly.entity_id   1
_entity_poly.type   'polypeptide(L)'
_entity_poly.pdbx_seq_one_letter_code
;MGSSHHHHHHSSGENLYFQHMGVAPAHLEVNVGGYNTEQTIPIVKHQLVKVGRNDKECQLVLTNPSISSVHCVFWCVFFD
EDSIPMFYVKDCSLNGTYLNGLLLKRDKTYLLKHCDVIELSQGSEENDIKKTRLVFMINDD
;
_entity_poly.pdbx_strand_id   A
#
# COMPACT_ATOMS: atom_id res chain seq x y z
N SER A 12 0.67 -10.77 -19.58
CA SER A 12 0.79 -10.27 -18.22
C SER A 12 0.89 -8.75 -18.20
N GLY A 13 1.78 -8.21 -19.02
CA GLY A 13 1.94 -6.76 -19.08
C GLY A 13 0.71 -6.06 -19.62
N GLU A 14 0.16 -6.57 -20.73
CA GLU A 14 -1.04 -5.97 -21.29
C GLU A 14 -2.19 -6.00 -20.30
N ASN A 15 -2.35 -7.13 -19.58
CA ASN A 15 -3.43 -7.23 -18.60
C ASN A 15 -3.29 -6.19 -17.50
N LEU A 16 -2.08 -5.99 -16.99
CA LEU A 16 -1.89 -5.00 -15.94
C LEU A 16 -2.07 -3.59 -16.48
N TYR A 17 -1.59 -3.35 -17.70
CA TYR A 17 -1.87 -2.09 -18.39
C TYR A 17 -3.37 -1.77 -18.34
N PHE A 18 -4.20 -2.72 -18.77
CA PHE A 18 -5.63 -2.47 -18.89
C PHE A 18 -6.33 -2.30 -17.56
N GLN A 19 -5.76 -2.79 -16.46
CA GLN A 19 -6.34 -2.48 -15.16
C GLN A 19 -6.15 -1.00 -14.82
N HIS A 20 -5.23 -0.30 -15.48
CA HIS A 20 -5.13 1.14 -15.30
C HIS A 20 -6.19 1.89 -16.10
N MET A 21 -6.82 1.24 -17.10
CA MET A 21 -7.81 1.85 -18.00
C MET A 21 -8.90 2.62 -17.26
N VAL A 23 -8.74 4.83 -14.95
CA VAL A 23 -8.26 5.21 -13.63
C VAL A 23 -8.10 3.96 -12.77
N ALA A 24 -6.99 3.86 -12.06
CA ALA A 24 -6.87 2.81 -11.05
C ALA A 24 -7.93 3.03 -9.98
N PRO A 25 -8.51 1.95 -9.43
CA PRO A 25 -9.56 2.16 -8.42
C PRO A 25 -9.07 2.90 -7.20
N ALA A 26 -7.77 2.81 -6.89
CA ALA A 26 -7.19 3.54 -5.78
C ALA A 26 -5.70 3.71 -6.05
N HIS A 27 -5.05 4.54 -5.24
CA HIS A 27 -3.60 4.64 -5.36
C HIS A 27 -3.03 5.04 -4.02
N LEU A 28 -1.72 4.82 -3.87
CA LEU A 28 -0.97 5.30 -2.72
C LEU A 28 -0.20 6.54 -3.15
N GLU A 29 -0.35 7.63 -2.40
CA GLU A 29 0.50 8.80 -2.60
C GLU A 29 1.70 8.68 -1.69
N VAL A 30 2.91 8.73 -2.25
CA VAL A 30 4.13 8.63 -1.46
C VAL A 30 4.42 9.98 -0.81
N ASN A 31 4.60 9.97 0.50
CA ASN A 31 4.69 11.20 1.29
C ASN A 31 5.96 11.12 2.14
N VAL A 32 6.85 12.09 1.98
CA VAL A 32 8.12 12.10 2.71
C VAL A 32 8.23 13.37 3.53
N GLY A 33 8.46 13.22 4.82
CA GLY A 33 8.60 14.36 5.70
C GLY A 33 7.32 15.15 5.85
N GLY A 34 6.19 14.57 5.51
CA GLY A 34 4.91 15.25 5.56
C GLY A 34 4.40 15.73 4.23
N TYR A 35 5.20 15.69 3.17
CA TYR A 35 4.84 16.28 1.89
CA TYR A 35 4.85 16.29 1.89
C TYR A 35 4.89 15.24 0.79
N ASN A 36 3.92 15.30 -0.12
CA ASN A 36 3.88 14.37 -1.24
C ASN A 36 5.07 14.58 -2.16
N THR A 37 5.67 13.47 -2.59
CA THR A 37 6.78 13.52 -3.53
C THR A 37 6.32 13.67 -4.97
N GLU A 38 5.02 13.45 -5.22
CA GLU A 38 4.31 13.37 -6.49
C GLU A 38 4.27 11.94 -7.03
N GLN A 39 5.06 11.03 -6.49
CA GLN A 39 4.95 9.64 -6.93
C GLN A 39 3.66 9.00 -6.41
N THR A 40 2.96 8.29 -7.27
CA THR A 40 1.82 7.49 -6.85
C THR A 40 2.07 6.04 -7.22
N ILE A 41 1.54 5.12 -6.42
CA ILE A 41 1.56 3.70 -6.72
C ILE A 41 0.13 3.25 -6.90
N PRO A 42 -0.30 2.90 -8.11
CA PRO A 42 -1.69 2.46 -8.30
C PRO A 42 -1.97 1.14 -7.60
N ILE A 43 -3.19 1.04 -7.10
CA ILE A 43 -3.72 -0.20 -6.52
C ILE A 43 -4.82 -0.66 -7.48
N VAL A 44 -4.51 -1.69 -8.24
CA VAL A 44 -5.43 -2.17 -9.26
C VAL A 44 -5.78 -3.61 -8.95
N LYS A 45 -6.83 -4.10 -9.60
CA LYS A 45 -7.27 -5.47 -9.39
C LYS A 45 -6.16 -6.43 -9.81
N HIS A 46 -6.10 -7.57 -9.11
CA HIS A 46 -5.28 -8.71 -9.47
C HIS A 46 -3.80 -8.44 -9.30
N GLN A 47 -3.43 -7.37 -8.59
CA GLN A 47 -2.04 -7.12 -8.23
C GLN A 47 -1.92 -6.94 -6.74
N LEU A 48 -0.84 -7.50 -6.20
CA LEU A 48 -0.45 -7.27 -4.82
CA LEU A 48 -0.43 -7.28 -4.82
C LEU A 48 0.67 -6.24 -4.80
N VAL A 49 0.45 -5.12 -4.12
CA VAL A 49 1.45 -4.06 -4.02
C VAL A 49 2.21 -4.26 -2.71
N LYS A 50 3.50 -4.57 -2.81
CA LYS A 50 4.33 -4.81 -1.63
C LYS A 50 5.25 -3.62 -1.39
N VAL A 51 5.39 -3.24 -0.13
CA VAL A 51 6.27 -2.16 0.29
C VAL A 51 7.27 -2.74 1.27
N GLY A 52 8.56 -2.43 1.09
CA GLY A 52 9.57 -2.97 1.97
C GLY A 52 10.95 -2.70 1.44
N ARG A 53 11.93 -3.46 1.95
CA ARG A 53 13.33 -3.28 1.63
C ARG A 53 13.79 -4.11 0.43
N ASN A 54 13.06 -5.17 0.09
CA ASN A 54 13.52 -6.16 -0.88
C ASN A 54 13.03 -5.74 -2.27
N ASP A 55 13.96 -5.30 -3.12
CA ASP A 55 13.55 -4.80 -4.43
C ASP A 55 12.93 -5.90 -5.31
N LYS A 56 13.46 -7.13 -5.21
CA LYS A 56 12.87 -8.22 -5.98
C LYS A 56 11.36 -8.35 -5.73
N GLU A 57 10.94 -8.18 -4.49
CA GLU A 57 9.55 -8.41 -4.13
C GLU A 57 8.69 -7.16 -4.14
N CYS A 58 9.27 -5.98 -3.92
CA CYS A 58 8.49 -4.81 -3.53
C CYS A 58 8.35 -3.82 -4.66
N GLN A 59 7.16 -3.23 -4.76
CA GLN A 59 6.87 -2.21 -5.75
C GLN A 59 7.38 -0.85 -5.31
N LEU A 60 7.39 -0.62 -4.00
CA LEU A 60 7.98 0.56 -3.40
C LEU A 60 9.03 0.13 -2.40
N VAL A 61 10.25 0.62 -2.54
CA VAL A 61 11.39 0.17 -1.74
C VAL A 61 11.79 1.27 -0.77
N LEU A 62 11.84 0.94 0.51
CA LEU A 62 12.34 1.83 1.55
C LEU A 62 13.60 1.23 2.16
N THR A 63 14.59 2.09 2.44
CA THR A 63 15.90 1.59 2.87
C THR A 63 16.20 1.80 4.34
N ASN A 64 15.35 2.50 5.09
CA ASN A 64 15.49 2.63 6.53
C ASN A 64 15.83 1.27 7.14
N PRO A 65 16.80 1.22 8.07
CA PRO A 65 17.23 -0.08 8.59
C PRO A 65 16.15 -0.85 9.32
N SER A 66 15.11 -0.19 9.81
CA SER A 66 14.05 -0.87 10.54
C SER A 66 13.01 -1.50 9.62
N ILE A 67 13.13 -1.34 8.31
CA ILE A 67 12.10 -1.77 7.36
C ILE A 67 12.33 -3.22 6.97
N SER A 68 11.25 -4.00 6.97
CA SER A 68 11.33 -5.41 6.66
C SER A 68 11.43 -5.63 5.15
N SER A 69 11.95 -6.82 4.80
CA SER A 69 12.09 -7.21 3.40
C SER A 69 10.79 -7.01 2.63
N VAL A 70 9.70 -7.57 3.14
CA VAL A 70 8.34 -7.22 2.74
C VAL A 70 7.66 -6.74 4.00
N HIS A 71 7.37 -5.45 4.06
CA HIS A 71 6.93 -4.80 5.29
C HIS A 71 5.41 -4.74 5.37
N CYS A 72 4.74 -4.28 4.31
CA CYS A 72 3.29 -4.34 4.31
C CYS A 72 2.82 -4.50 2.87
N VAL A 73 1.60 -4.99 2.71
CA VAL A 73 1.09 -5.30 1.38
CA VAL A 73 1.07 -5.34 1.40
C VAL A 73 -0.31 -4.73 1.24
N PHE A 74 -0.66 -4.37 0.00
CA PHE A 74 -1.92 -3.73 -0.33
C PHE A 74 -2.56 -4.48 -1.48
N TRP A 75 -3.87 -4.61 -1.46
CA TRP A 75 -4.55 -5.18 -2.62
C TRP A 75 -6.02 -4.82 -2.57
N CYS A 76 -6.76 -5.18 -3.61
CA CYS A 76 -8.19 -4.95 -3.57
C CYS A 76 -8.92 -6.17 -4.11
N VAL A 77 -10.18 -6.30 -3.69
CA VAL A 77 -11.08 -7.34 -4.16
C VAL A 77 -12.39 -6.67 -4.51
N PHE A 78 -12.88 -6.91 -5.72
CA PHE A 78 -14.18 -6.38 -6.13
C PHE A 78 -15.20 -7.50 -5.95
N PHE A 79 -16.16 -7.26 -5.08
CA PHE A 79 -17.19 -8.24 -4.76
C PHE A 79 -18.45 -7.98 -5.58
N ASP A 80 -19.24 -9.04 -5.74
CA ASP A 80 -20.63 -9.00 -6.20
C ASP A 80 -20.71 -8.42 -7.62
N GLU A 81 -20.31 -9.25 -8.57
CA GLU A 81 -20.32 -8.91 -9.99
C GLU A 81 -19.55 -7.61 -10.22
N ASP A 82 -18.37 -7.55 -9.63
CA ASP A 82 -17.39 -6.50 -9.89
C ASP A 82 -17.89 -5.13 -9.46
N SER A 83 -18.78 -5.09 -8.47
CA SER A 83 -19.51 -3.86 -8.15
C SER A 83 -19.13 -3.22 -6.83
N ILE A 84 -18.59 -3.97 -5.87
CA ILE A 84 -18.26 -3.43 -4.56
C ILE A 84 -16.77 -3.61 -4.31
N PRO A 85 -15.97 -2.56 -4.48
CA PRO A 85 -14.53 -2.68 -4.20
C PRO A 85 -14.23 -2.62 -2.70
N MET A 86 -13.39 -3.55 -2.26
CA MET A 86 -12.82 -3.49 -0.93
C MET A 86 -11.31 -3.41 -1.09
N PHE A 87 -10.67 -2.57 -0.27
CA PHE A 87 -9.24 -2.33 -0.34
C PHE A 87 -8.61 -2.73 0.98
N TYR A 88 -7.51 -3.47 0.90
CA TYR A 88 -6.92 -4.10 2.08
C TYR A 88 -5.46 -3.72 2.26
N VAL A 89 -5.03 -3.70 3.52
CA VAL A 89 -3.62 -3.62 3.87
C VAL A 89 -3.32 -4.71 4.90
N LYS A 90 -2.10 -5.22 4.87
CA LYS A 90 -1.68 -6.22 5.84
C LYS A 90 -0.23 -5.96 6.22
N ASP A 91 0.03 -5.83 7.52
CA ASP A 91 1.39 -5.75 8.04
C ASP A 91 2.05 -7.12 8.00
N CYS A 92 3.27 -7.18 7.46
CA CYS A 92 4.09 -8.39 7.35
C CYS A 92 5.43 -8.24 8.05
N SER A 93 5.60 -7.19 8.87
CA SER A 93 6.91 -6.73 9.29
C SER A 93 7.27 -7.22 10.69
N LEU A 94 8.54 -6.97 11.06
CA LEU A 94 8.97 -7.20 12.44
C LEU A 94 8.63 -6.03 13.34
N ASN A 95 8.87 -4.81 12.87
CA ASN A 95 8.79 -3.64 13.74
C ASN A 95 7.46 -2.90 13.68
N GLY A 96 6.60 -3.23 12.74
CA GLY A 96 5.22 -2.78 12.80
C GLY A 96 4.87 -1.80 11.70
N THR A 97 3.56 -1.70 11.44
CA THR A 97 3.00 -0.75 10.48
C THR A 97 1.85 -0.04 11.17
N TYR A 98 1.78 1.27 10.99
CA TYR A 98 0.74 2.07 11.62
C TYR A 98 -0.29 2.51 10.57
N LEU A 99 -1.53 2.57 11.01
CA LEU A 99 -2.65 3.00 10.18
CA LEU A 99 -2.66 2.99 10.17
C LEU A 99 -3.31 4.15 10.92
N ASN A 100 -3.22 5.36 10.35
CA ASN A 100 -3.70 6.55 11.04
C ASN A 100 -3.15 6.63 12.46
N GLY A 101 -1.88 6.24 12.62
CA GLY A 101 -1.23 6.37 13.90
C GLY A 101 -1.41 5.19 14.83
N LEU A 102 -2.15 4.18 14.40
CA LEU A 102 -2.51 3.05 15.24
C LEU A 102 -1.83 1.79 14.75
N LEU A 103 -1.29 0.99 15.68
CA LEU A 103 -0.46 -0.14 15.29
C LEU A 103 -1.32 -1.30 14.76
N LEU A 104 -1.09 -1.71 13.52
CA LEU A 104 -1.76 -2.90 13.00
C LEU A 104 -1.27 -4.15 13.71
N LYS A 105 -2.16 -5.15 13.80
CA LYS A 105 -1.72 -6.46 14.27
C LYS A 105 -1.04 -7.20 13.12
N ARG A 106 0.14 -7.76 13.41
CA ARG A 106 0.90 -8.44 12.37
C ARG A 106 0.07 -9.56 11.76
N ASP A 107 0.11 -9.64 10.43
CA ASP A 107 -0.47 -10.69 9.60
C ASP A 107 -2.00 -10.64 9.54
N LYS A 108 -2.63 -9.62 10.10
CA LYS A 108 -4.07 -9.50 10.04
C LYS A 108 -4.48 -8.58 8.88
N THR A 109 -5.53 -8.96 8.18
CA THR A 109 -6.01 -8.14 7.06
C THR A 109 -6.89 -7.02 7.58
N TYR A 110 -6.61 -5.80 7.12
CA TYR A 110 -7.37 -4.63 7.54
C TYR A 110 -7.98 -3.93 6.34
N LEU A 111 -9.20 -3.41 6.51
CA LEU A 111 -9.90 -2.74 5.42
C LEU A 111 -9.53 -1.26 5.43
N LEU A 112 -9.18 -0.73 4.27
CA LEU A 112 -8.77 0.67 4.14
C LEU A 112 -9.95 1.59 3.79
N LYS A 113 -9.83 2.84 4.22
CA LYS A 113 -10.77 3.89 3.88
C LYS A 113 -10.03 5.04 3.22
N HIS A 114 -10.75 5.76 2.38
CA HIS A 114 -10.20 6.92 1.68
C HIS A 114 -9.50 7.86 2.66
N CYS A 115 -8.26 8.25 2.32
CA CYS A 115 -7.35 9.16 3.04
C CYS A 115 -6.65 8.50 4.22
N ASP A 116 -6.77 7.19 4.37
CA ASP A 116 -5.99 6.52 5.42
C ASP A 116 -4.51 6.74 5.18
N VAL A 117 -3.75 6.83 6.26
CA VAL A 117 -2.31 7.08 6.20
C VAL A 117 -1.58 5.90 6.78
N ILE A 118 -0.67 5.31 6.00
CA ILE A 118 0.08 4.14 6.42
C ILE A 118 1.52 4.57 6.67
N GLU A 119 2.03 4.29 7.87
CA GLU A 119 3.39 4.64 8.23
C GLU A 119 4.13 3.36 8.58
N LEU A 120 5.24 3.12 7.90
CA LEU A 120 6.03 1.95 8.24
C LEU A 120 6.95 2.32 9.39
N SER A 121 7.08 1.42 10.36
CA SER A 121 7.93 1.72 11.49
C SER A 121 9.35 1.92 11.00
N GLN A 122 9.90 3.09 11.28
CA GLN A 122 11.19 3.49 10.72
C GLN A 122 12.11 3.97 11.83
N LYS A 130 12.61 13.19 6.56
CA LYS A 130 12.08 12.40 7.68
C LYS A 130 11.51 11.08 7.16
N LYS A 131 10.34 10.73 7.65
CA LYS A 131 9.77 9.41 7.43
C LYS A 131 8.90 9.38 6.18
N THR A 132 8.72 8.18 5.66
CA THR A 132 7.84 7.94 4.51
C THR A 132 6.48 7.49 5.01
N ARG A 133 5.44 8.15 4.51
CA ARG A 133 4.08 7.74 4.78
C ARG A 133 3.39 7.50 3.44
N LEU A 134 2.40 6.63 3.46
CA LEU A 134 1.65 6.31 2.25
C LEU A 134 0.20 6.72 2.48
N VAL A 135 -0.30 7.59 1.61
CA VAL A 135 -1.65 8.09 1.76
C VAL A 135 -2.51 7.37 0.75
N PHE A 136 -3.48 6.60 1.25
CA PHE A 136 -4.35 5.79 0.42
C PHE A 136 -5.52 6.64 -0.05
N MET A 137 -5.76 6.68 -1.36
CA MET A 137 -6.83 7.50 -1.93
C MET A 137 -7.67 6.64 -2.87
N ILE A 138 -8.98 6.69 -2.71
CA ILE A 138 -9.88 6.01 -3.62
C ILE A 138 -10.25 6.95 -4.75
N ASN A 139 -10.27 6.43 -5.97
CA ASN A 139 -10.59 7.21 -7.15
C ASN A 139 -11.96 6.81 -7.68
#